data_1IYZ
#
_entry.id   1IYZ
#
_cell.length_a   77.633
_cell.length_b   77.633
_cell.length_c   235.614
_cell.angle_alpha   90.00
_cell.angle_beta   90.00
_cell.angle_gamma   120.00
#
_symmetry.space_group_name_H-M   'P 61 2 2'
#
loop_
_entity.id
_entity.type
_entity.pdbx_description
1 polymer 'QUINONE OXIDOREDUCTASE'
2 non-polymer 'NADPH DIHYDRO-NICOTINAMIDE-ADENINE-DINUCLEOTIDE PHOSPHATE'
3 water water
#
_entity_poly.entity_id   1
_entity_poly.type   'polypeptide(L)'
_entity_poly.pdbx_seq_one_letter_code
;MKAWVLKRLGGPLELVDLPEPEAEEGEVVLRVEAVGLNFADHLMRLGAYLTRLHPPFIPGMEVVGVVEGRRYAALVPQGG
LAERVAVPKGALLPLPEGLSPEEAAAFPVSFLTAYLALKRAQARPGEKVLVQAAAGALGTAAVQVARAMGLRVLAAASRP
EKLALPLALGAEEAATYAEVPERAKAWGGLDLVLEVRGKEVEESLGLLAHGGRLVYIGAAEGEVAPIPPLRLMRRNLAVL
GFWLTPLLREGALVEEALGFLLPRLGRELRPVVGPVFPFAEAEAAFRALLDRGHTGKVVVRL
;
_entity_poly.pdbx_strand_id   A
#
# COMPACT_ATOMS: atom_id res chain seq x y z
N MET A 1 1.42 5.21 -28.73
CA MET A 1 2.15 5.34 -27.44
C MET A 1 2.86 4.05 -27.06
N LYS A 2 3.97 4.19 -26.34
CA LYS A 2 4.73 3.03 -25.89
C LYS A 2 4.12 2.55 -24.57
N ALA A 3 4.11 1.23 -24.38
CA ALA A 3 3.54 0.67 -23.16
C ALA A 3 3.99 -0.77 -22.96
N TRP A 4 4.08 -1.18 -21.69
CA TRP A 4 4.48 -2.54 -21.36
C TRP A 4 3.22 -3.40 -21.25
N VAL A 5 3.21 -4.54 -21.94
CA VAL A 5 2.07 -5.43 -21.89
C VAL A 5 2.45 -6.81 -21.36
N LEU A 6 1.53 -7.40 -20.60
CA LEU A 6 1.71 -8.73 -20.05
C LEU A 6 0.74 -9.60 -20.85
N LYS A 7 1.26 -10.39 -21.77
CA LYS A 7 0.41 -11.23 -22.62
C LYS A 7 0.02 -12.56 -22.03
N ARG A 8 0.79 -13.06 -21.07
CA ARG A 8 0.48 -14.34 -20.43
C ARG A 8 0.86 -14.33 -18.95
N LEU A 9 -0.04 -14.78 -18.09
CA LEU A 9 0.29 -14.84 -16.68
C LEU A 9 1.56 -15.66 -16.52
N GLY A 10 2.47 -15.19 -15.67
CA GLY A 10 3.71 -15.91 -15.46
C GLY A 10 4.74 -15.60 -16.52
N GLY A 11 4.33 -14.93 -17.59
CA GLY A 11 5.25 -14.61 -18.67
C GLY A 11 6.03 -13.33 -18.47
N PRO A 12 6.77 -12.88 -19.49
CA PRO A 12 7.56 -11.65 -19.38
C PRO A 12 6.76 -10.45 -19.91
N LEU A 13 7.19 -9.24 -19.56
CA LEU A 13 6.51 -8.04 -20.03
C LEU A 13 7.11 -7.71 -21.39
N GLU A 14 6.31 -7.19 -22.30
CA GLU A 14 6.79 -6.85 -23.63
C GLU A 14 6.54 -5.37 -23.90
N LEU A 15 7.59 -4.62 -24.13
CA LEU A 15 7.48 -3.18 -24.38
C LEU A 15 7.02 -2.98 -25.82
N VAL A 16 5.76 -2.60 -25.99
CA VAL A 16 5.18 -2.41 -27.32
C VAL A 16 4.60 -1.04 -27.64
N ASP A 17 4.21 -0.87 -28.91
CA ASP A 17 3.59 0.36 -29.37
C ASP A 17 2.10 0.10 -29.48
N LEU A 18 1.30 0.97 -28.87
CA LEU A 18 -0.14 0.85 -28.89
C LEU A 18 -0.82 2.16 -29.29
N PRO A 19 -2.09 2.08 -29.71
CA PRO A 19 -2.89 3.24 -30.11
C PRO A 19 -3.09 4.16 -28.90
N GLU A 20 -3.20 5.46 -29.13
CA GLU A 20 -3.41 6.40 -28.03
C GLU A 20 -4.75 6.08 -27.37
N PRO A 21 -4.82 6.20 -26.04
CA PRO A 21 -6.09 5.89 -25.38
C PRO A 21 -7.21 6.83 -25.83
N GLU A 22 -8.45 6.33 -25.77
CA GLU A 22 -9.61 7.11 -26.16
C GLU A 22 -10.37 7.51 -24.90
N ALA A 23 -10.69 8.79 -24.79
CA ALA A 23 -11.40 9.27 -23.63
C ALA A 23 -12.91 9.33 -23.88
N GLU A 24 -13.66 8.58 -23.07
CA GLU A 24 -15.11 8.54 -23.16
C GLU A 24 -15.64 9.73 -22.34
N GLU A 25 -16.95 10.00 -22.42
CA GLU A 25 -17.52 11.10 -21.67
C GLU A 25 -17.15 10.93 -20.21
N GLY A 26 -16.80 12.04 -19.56
CA GLY A 26 -16.45 12.00 -18.15
C GLY A 26 -15.01 11.62 -17.87
N GLU A 27 -14.25 11.28 -18.91
CA GLU A 27 -12.87 10.88 -18.73
C GLU A 27 -11.89 11.88 -19.30
N VAL A 28 -10.64 11.72 -18.88
CA VAL A 28 -9.54 12.56 -19.36
C VAL A 28 -8.39 11.61 -19.61
N VAL A 29 -7.50 12.00 -20.52
CA VAL A 29 -6.33 11.18 -20.81
C VAL A 29 -5.17 11.91 -20.17
N LEU A 30 -4.49 11.27 -19.22
CA LEU A 30 -3.37 11.96 -18.62
C LEU A 30 -2.04 11.41 -19.11
N ARG A 31 -1.05 12.31 -19.16
CA ARG A 31 0.29 11.99 -19.59
C ARG A 31 1.03 11.49 -18.37
N VAL A 32 1.28 10.18 -18.34
CA VAL A 32 1.95 9.52 -17.22
C VAL A 32 3.37 10.01 -16.94
N GLU A 33 3.69 10.16 -15.65
CA GLU A 33 5.02 10.61 -15.24
C GLU A 33 5.66 9.56 -14.33
N ALA A 34 4.86 9.00 -13.44
CA ALA A 34 5.34 8.01 -12.50
C ALA A 34 4.26 6.99 -12.20
N VAL A 35 4.69 5.75 -11.98
CA VAL A 35 3.79 4.66 -11.65
C VAL A 35 4.36 3.99 -10.41
N GLY A 36 3.54 3.83 -9.38
CA GLY A 36 4.01 3.18 -8.18
C GLY A 36 3.67 1.72 -8.30
N LEU A 37 4.62 0.83 -7.99
CA LEU A 37 4.34 -0.60 -8.08
C LEU A 37 3.87 -1.15 -6.73
N ASN A 38 2.97 -2.13 -6.78
CA ASN A 38 2.41 -2.74 -5.60
C ASN A 38 2.60 -4.24 -5.65
N PHE A 39 2.49 -4.88 -4.49
CA PHE A 39 2.63 -6.33 -4.44
C PHE A 39 1.49 -6.95 -5.20
N ALA A 40 0.37 -6.24 -5.25
CA ALA A 40 -0.80 -6.70 -5.97
C ALA A 40 -0.48 -6.86 -7.46
N ASP A 41 0.36 -5.99 -7.99
CA ASP A 41 0.75 -6.05 -9.41
C ASP A 41 1.48 -7.35 -9.66
N HIS A 42 2.31 -7.73 -8.69
CA HIS A 42 3.06 -8.96 -8.80
C HIS A 42 2.11 -10.16 -8.75
N LEU A 43 1.17 -10.14 -7.81
CA LEU A 43 0.22 -11.23 -7.67
C LEU A 43 -0.67 -11.35 -8.91
N MET A 44 -0.94 -10.23 -9.55
CA MET A 44 -1.75 -10.23 -10.75
C MET A 44 -1.06 -10.91 -11.93
N ARG A 45 0.24 -10.71 -12.06
CA ARG A 45 0.99 -11.31 -13.16
C ARG A 45 0.93 -12.83 -13.07
N LEU A 46 0.92 -13.34 -11.85
CA LEU A 46 0.87 -14.78 -11.61
C LEU A 46 -0.57 -15.29 -11.59
N GLY A 47 -1.52 -14.37 -11.60
CA GLY A 47 -2.92 -14.78 -11.55
C GLY A 47 -3.19 -15.29 -10.15
N ALA A 48 -2.94 -14.44 -9.15
CA ALA A 48 -3.16 -14.83 -7.76
C ALA A 48 -3.81 -13.71 -6.97
N TYR A 49 -4.11 -12.60 -7.62
CA TYR A 49 -4.74 -11.50 -6.91
C TYR A 49 -6.23 -11.73 -6.72
N LEU A 50 -6.79 -11.08 -5.71
CA LEU A 50 -8.22 -11.20 -5.39
C LEU A 50 -9.07 -10.92 -6.64
N THR A 51 -8.60 -10.00 -7.47
CA THR A 51 -9.29 -9.66 -8.73
C THR A 51 -8.44 -10.30 -9.83
N ARG A 52 -9.05 -11.17 -10.64
CA ARG A 52 -8.30 -11.85 -11.69
C ARG A 52 -8.39 -11.16 -13.05
N LEU A 53 -7.37 -10.35 -13.37
CA LEU A 53 -7.33 -9.63 -14.64
C LEU A 53 -7.02 -10.60 -15.78
N HIS A 54 -7.72 -10.45 -16.91
CA HIS A 54 -7.52 -11.33 -18.06
C HIS A 54 -6.55 -10.77 -19.10
N PRO A 55 -5.41 -11.46 -19.30
CA PRO A 55 -4.43 -10.99 -20.29
C PRO A 55 -5.01 -10.99 -21.70
N PRO A 56 -4.43 -10.19 -22.60
CA PRO A 56 -3.28 -9.34 -22.32
C PRO A 56 -3.71 -8.05 -21.64
N PHE A 57 -2.81 -7.46 -20.86
CA PHE A 57 -3.09 -6.19 -20.20
C PHE A 57 -1.83 -5.42 -19.86
N ILE A 58 -2.03 -4.16 -19.51
CA ILE A 58 -0.94 -3.27 -19.12
C ILE A 58 -0.90 -3.18 -17.59
N PRO A 59 0.20 -3.64 -16.98
CA PRO A 59 0.38 -3.62 -15.53
C PRO A 59 0.42 -2.16 -15.06
N GLY A 60 0.26 -1.95 -13.76
CA GLY A 60 0.29 -0.60 -13.24
C GLY A 60 -1.12 -0.10 -12.91
N MET A 61 -1.35 0.15 -11.63
CA MET A 61 -2.66 0.60 -11.17
C MET A 61 -2.59 1.94 -10.44
N GLU A 62 -1.37 2.35 -10.10
CA GLU A 62 -1.14 3.60 -9.39
C GLU A 62 -0.34 4.59 -10.25
N VAL A 63 -1.06 5.50 -10.92
CA VAL A 63 -0.41 6.48 -11.78
C VAL A 63 -0.43 7.91 -11.30
N VAL A 64 0.49 8.69 -11.85
CA VAL A 64 0.66 10.09 -11.56
C VAL A 64 1.02 10.72 -12.91
N GLY A 65 0.22 11.70 -13.34
CA GLY A 65 0.48 12.33 -14.61
C GLY A 65 -0.15 13.69 -14.74
N VAL A 66 -0.04 14.27 -15.92
CA VAL A 66 -0.57 15.61 -16.16
C VAL A 66 -1.79 15.70 -17.07
N VAL A 67 -2.70 16.59 -16.70
CA VAL A 67 -3.92 16.84 -17.46
C VAL A 67 -4.00 18.34 -17.63
N GLU A 68 -3.93 18.79 -18.88
CA GLU A 68 -4.01 20.22 -19.18
C GLU A 68 -3.28 21.08 -18.13
N GLY A 69 -2.01 20.75 -17.89
CA GLY A 69 -1.24 21.52 -16.93
C GLY A 69 -1.21 21.04 -15.49
N ARG A 70 -2.31 20.52 -14.97
CA ARG A 70 -2.33 20.07 -13.58
C ARG A 70 -1.91 18.61 -13.42
N ARG A 71 -1.14 18.34 -12.37
CA ARG A 71 -0.67 16.99 -12.07
C ARG A 71 -1.61 16.29 -11.09
N TYR A 72 -1.88 15.01 -11.34
CA TYR A 72 -2.76 14.24 -10.48
C TYR A 72 -2.21 12.86 -10.16
N ALA A 73 -2.89 12.21 -9.23
CA ALA A 73 -2.56 10.86 -8.81
C ALA A 73 -3.89 10.15 -8.98
N ALA A 74 -3.88 8.94 -9.49
CA ALA A 74 -5.13 8.22 -9.69
C ALA A 74 -4.94 6.71 -9.68
N LEU A 75 -5.99 6.01 -9.23
CA LEU A 75 -5.96 4.55 -9.20
C LEU A 75 -6.79 4.06 -10.37
N VAL A 76 -6.14 3.33 -11.28
CA VAL A 76 -6.81 2.77 -12.44
C VAL A 76 -6.68 1.26 -12.30
N PRO A 77 -7.58 0.48 -12.93
CA PRO A 77 -7.52 -0.98 -12.84
C PRO A 77 -6.30 -1.51 -13.57
N GLN A 78 -5.95 -0.82 -14.66
CA GLN A 78 -4.79 -1.20 -15.46
C GLN A 78 -4.39 -0.05 -16.36
N GLY A 79 -3.35 -0.26 -17.17
CA GLY A 79 -2.89 0.75 -18.11
C GLY A 79 -1.87 1.73 -17.54
N GLY A 80 -1.34 1.41 -16.36
CA GLY A 80 -0.37 2.27 -15.72
C GLY A 80 0.96 2.45 -16.43
N LEU A 81 1.61 1.36 -16.82
CA LEU A 81 2.91 1.44 -17.48
C LEU A 81 2.82 1.79 -18.97
N ALA A 82 2.21 2.93 -19.25
CA ALA A 82 2.06 3.40 -20.62
C ALA A 82 2.29 4.90 -20.60
N GLU A 83 2.53 5.49 -21.76
CA GLU A 83 2.76 6.91 -21.85
C GLU A 83 1.49 7.71 -21.51
N ARG A 84 0.32 7.12 -21.79
CA ARG A 84 -0.94 7.81 -21.51
C ARG A 84 -2.03 6.86 -21.02
N VAL A 85 -2.95 7.40 -20.21
CA VAL A 85 -4.05 6.58 -19.68
C VAL A 85 -5.34 7.39 -19.53
N ALA A 86 -6.47 6.76 -19.83
CA ALA A 86 -7.77 7.38 -19.70
C ALA A 86 -8.21 7.19 -18.25
N VAL A 87 -8.75 8.23 -17.65
CA VAL A 87 -9.18 8.15 -16.25
C VAL A 87 -10.45 8.94 -15.99
N PRO A 88 -11.44 8.31 -15.34
CA PRO A 88 -12.69 9.00 -15.02
C PRO A 88 -12.31 10.21 -14.17
N LYS A 89 -12.65 11.41 -14.64
CA LYS A 89 -12.32 12.63 -13.92
C LYS A 89 -12.59 12.52 -12.41
N GLY A 90 -13.65 11.82 -12.03
CA GLY A 90 -13.97 11.68 -10.62
C GLY A 90 -13.09 10.75 -9.79
N ALA A 91 -12.00 10.26 -10.38
CA ALA A 91 -11.09 9.37 -9.66
C ALA A 91 -9.77 10.09 -9.40
N LEU A 92 -9.63 11.28 -9.99
CA LEU A 92 -8.42 12.08 -9.85
C LEU A 92 -8.12 12.65 -8.48
N LEU A 93 -6.94 12.35 -7.95
CA LEU A 93 -6.52 12.87 -6.66
C LEU A 93 -5.75 14.18 -6.86
N PRO A 94 -6.18 15.25 -6.17
CA PRO A 94 -5.49 16.54 -6.30
C PRO A 94 -4.22 16.43 -5.48
N LEU A 95 -3.17 17.14 -5.89
CA LEU A 95 -1.91 17.07 -5.17
C LEU A 95 -1.43 18.43 -4.69
N PRO A 96 -0.70 18.47 -3.57
CA PRO A 96 -0.21 19.76 -3.09
C PRO A 96 0.82 20.26 -4.10
N GLU A 97 0.87 21.57 -4.32
CA GLU A 97 1.84 22.16 -5.24
C GLU A 97 3.27 21.74 -4.92
N GLY A 98 4.00 21.31 -5.95
CA GLY A 98 5.38 20.91 -5.76
C GLY A 98 5.61 19.44 -5.48
N LEU A 99 4.61 18.77 -4.91
CA LEU A 99 4.72 17.34 -4.60
C LEU A 99 5.32 16.65 -5.82
N SER A 100 6.44 15.96 -5.65
CA SER A 100 7.11 15.27 -6.76
C SER A 100 6.38 14.06 -7.28
N PRO A 101 6.56 13.75 -8.59
CA PRO A 101 5.92 12.60 -9.22
C PRO A 101 6.21 11.33 -8.45
N GLU A 102 7.48 11.15 -8.06
CA GLU A 102 7.88 9.97 -7.32
C GLU A 102 7.19 9.90 -5.97
N GLU A 103 7.04 11.04 -5.30
CA GLU A 103 6.39 11.02 -4.00
C GLU A 103 4.88 10.86 -4.10
N ALA A 104 4.30 11.31 -5.21
CA ALA A 104 2.86 11.19 -5.39
C ALA A 104 2.48 9.74 -5.72
N ALA A 105 3.35 9.06 -6.45
CA ALA A 105 3.11 7.67 -6.84
C ALA A 105 3.16 6.69 -5.67
N ALA A 106 3.71 7.13 -4.54
CA ALA A 106 3.82 6.27 -3.38
C ALA A 106 2.72 6.52 -2.36
N PHE A 107 1.76 7.36 -2.71
CA PHE A 107 0.69 7.73 -1.80
C PHE A 107 -0.65 6.99 -1.77
N PRO A 108 -1.40 7.03 -2.90
CA PRO A 108 -2.71 6.37 -3.04
C PRO A 108 -2.92 5.04 -2.32
N VAL A 109 -2.39 3.96 -2.91
CA VAL A 109 -2.57 2.64 -2.33
C VAL A 109 -2.12 2.50 -0.88
N SER A 110 -0.87 2.87 -0.58
CA SER A 110 -0.35 2.74 0.76
C SER A 110 -1.10 3.53 1.84
N PHE A 111 -1.34 4.81 1.60
CA PHE A 111 -2.03 5.62 2.59
C PHE A 111 -3.52 5.34 2.72
N LEU A 112 -4.19 5.04 1.62
CA LEU A 112 -5.61 4.73 1.70
C LEU A 112 -5.77 3.40 2.43
N THR A 113 -4.89 2.45 2.13
CA THR A 113 -4.94 1.14 2.78
C THR A 113 -4.67 1.28 4.27
N ALA A 114 -3.64 2.05 4.62
CA ALA A 114 -3.30 2.23 6.03
C ALA A 114 -4.43 2.88 6.81
N TYR A 115 -5.00 3.93 6.23
CA TYR A 115 -6.08 4.65 6.90
C TYR A 115 -7.35 3.81 7.01
N LEU A 116 -7.82 3.25 5.90
CA LEU A 116 -9.03 2.44 5.94
C LEU A 116 -8.89 1.22 6.86
N ALA A 117 -7.72 0.59 6.84
CA ALA A 117 -7.51 -0.57 7.70
C ALA A 117 -7.61 -0.17 9.18
N LEU A 118 -7.07 0.98 9.54
CA LEU A 118 -7.12 1.42 10.92
C LEU A 118 -8.53 1.88 11.28
N LYS A 119 -9.19 2.56 10.36
CA LYS A 119 -10.55 3.06 10.61
C LYS A 119 -11.51 1.88 10.80
N ARG A 120 -11.40 0.87 9.94
CA ARG A 120 -12.26 -0.27 10.03
C ARG A 120 -12.02 -1.01 11.35
N ALA A 121 -10.80 -0.97 11.85
CA ALA A 121 -10.46 -1.64 13.11
C ALA A 121 -10.69 -0.69 14.28
N GLN A 122 -11.39 0.40 13.98
CA GLN A 122 -11.72 1.40 14.98
C GLN A 122 -10.57 1.77 15.93
N ALA A 123 -9.42 2.09 15.35
CA ALA A 123 -8.25 2.49 16.13
C ALA A 123 -8.55 3.79 16.84
N ARG A 124 -8.44 3.78 18.17
CA ARG A 124 -8.68 4.98 18.96
C ARG A 124 -7.35 5.57 19.44
N PRO A 125 -7.28 6.91 19.56
CA PRO A 125 -6.08 7.60 20.01
C PRO A 125 -5.53 6.96 21.27
N GLY A 126 -4.24 6.65 21.28
CA GLY A 126 -3.65 6.04 22.45
C GLY A 126 -3.39 4.55 22.33
N GLU A 127 -4.18 3.87 21.50
CA GLU A 127 -4.02 2.43 21.32
C GLU A 127 -2.66 2.03 20.73
N LYS A 128 -2.26 0.80 21.02
CA LYS A 128 -1.00 0.25 20.57
C LYS A 128 -1.19 -0.57 19.30
N VAL A 129 -0.43 -0.24 18.26
CA VAL A 129 -0.55 -0.99 17.01
C VAL A 129 0.79 -1.52 16.49
N LEU A 130 0.78 -2.79 16.11
CA LEU A 130 1.97 -3.44 15.57
C LEU A 130 1.92 -3.37 14.05
N VAL A 131 2.89 -2.68 13.45
CA VAL A 131 2.96 -2.58 11.99
C VAL A 131 4.11 -3.46 11.51
N GLN A 132 3.79 -4.51 10.75
CA GLN A 132 4.81 -5.42 10.23
C GLN A 132 5.33 -4.86 8.91
N ALA A 133 6.43 -5.42 8.41
CA ALA A 133 7.03 -4.95 7.16
C ALA A 133 7.05 -3.41 7.21
N ALA A 134 7.34 -2.89 8.40
CA ALA A 134 7.35 -1.46 8.68
C ALA A 134 8.31 -0.55 7.91
N ALA A 135 9.15 -1.13 7.07
CA ALA A 135 10.10 -0.33 6.31
C ALA A 135 9.75 -0.31 4.81
N GLY A 136 8.56 -0.82 4.47
CA GLY A 136 8.15 -0.86 3.09
C GLY A 136 7.15 0.21 2.74
N ALA A 137 6.56 0.12 1.54
CA ALA A 137 5.59 1.11 1.10
C ALA A 137 4.39 1.14 2.05
N LEU A 138 3.69 0.03 2.19
CA LEU A 138 2.53 -0.02 3.07
C LEU A 138 2.91 0.19 4.53
N GLY A 139 4.08 -0.30 4.92
CA GLY A 139 4.53 -0.16 6.30
C GLY A 139 4.86 1.25 6.75
N THR A 140 5.70 1.92 5.97
CA THR A 140 6.13 3.29 6.28
C THR A 140 4.94 4.26 6.28
N ALA A 141 3.94 3.97 5.46
CA ALA A 141 2.75 4.82 5.41
C ALA A 141 1.95 4.60 6.69
N ALA A 142 1.70 3.33 7.01
CA ALA A 142 0.94 2.97 8.20
C ALA A 142 1.52 3.61 9.46
N VAL A 143 2.83 3.61 9.58
CA VAL A 143 3.47 4.20 10.76
C VAL A 143 3.07 5.67 10.91
N GLN A 144 3.15 6.42 9.81
CA GLN A 144 2.81 7.84 9.84
C GLN A 144 1.33 8.06 10.13
N VAL A 145 0.46 7.40 9.36
CA VAL A 145 -0.98 7.52 9.56
C VAL A 145 -1.40 7.12 10.98
N ALA A 146 -0.74 6.12 11.54
CA ALA A 146 -1.06 5.68 12.88
C ALA A 146 -0.71 6.80 13.85
N ARG A 147 0.44 7.42 13.62
CA ARG A 147 0.90 8.51 14.47
C ARG A 147 -0.03 9.70 14.29
N ALA A 148 -0.50 9.89 13.07
CA ALA A 148 -1.41 10.99 12.78
C ALA A 148 -2.74 10.80 13.51
N MET A 149 -3.07 9.55 13.82
CA MET A 149 -4.29 9.22 14.53
C MET A 149 -4.00 9.07 16.02
N GLY A 150 -2.76 9.34 16.40
CA GLY A 150 -2.39 9.26 17.80
C GLY A 150 -2.23 7.90 18.43
N LEU A 151 -1.83 6.90 17.67
CA LEU A 151 -1.64 5.57 18.23
C LEU A 151 -0.16 5.36 18.55
N ARG A 152 0.12 4.38 19.40
CA ARG A 152 1.49 4.05 19.75
C ARG A 152 1.85 2.95 18.75
N VAL A 153 2.94 3.15 18.01
CA VAL A 153 3.37 2.20 16.99
C VAL A 153 4.58 1.32 17.32
N LEU A 154 4.37 0.02 17.29
CA LEU A 154 5.45 -0.95 17.52
C LEU A 154 5.75 -1.44 16.10
N ALA A 155 6.92 -1.10 15.59
CA ALA A 155 7.30 -1.48 14.23
C ALA A 155 8.10 -2.77 14.15
N ALA A 156 7.82 -3.58 13.14
CA ALA A 156 8.54 -4.84 12.94
C ALA A 156 8.94 -5.02 11.47
N ALA A 157 10.15 -5.57 11.29
CA ALA A 157 10.69 -5.84 9.97
C ALA A 157 11.51 -7.13 10.03
N SER A 158 11.94 -7.64 8.88
CA SER A 158 12.70 -8.87 8.85
C SER A 158 14.20 -8.70 9.05
N ARG A 159 14.70 -7.48 8.95
CA ARG A 159 16.13 -7.25 9.11
C ARG A 159 16.43 -6.10 10.06
N PRO A 160 17.49 -6.24 10.86
CA PRO A 160 17.86 -5.19 11.81
C PRO A 160 18.12 -3.83 11.13
N GLU A 161 18.77 -3.84 9.98
CA GLU A 161 19.08 -2.59 9.32
C GLU A 161 17.88 -1.85 8.74
N LYS A 162 16.70 -2.47 8.74
CA LYS A 162 15.52 -1.80 8.22
C LYS A 162 14.76 -1.06 9.32
N LEU A 163 15.06 -1.38 10.57
CA LEU A 163 14.39 -0.78 11.70
C LEU A 163 14.57 0.72 11.95
N ALA A 164 15.66 1.31 11.46
CA ALA A 164 15.90 2.72 11.68
C ALA A 164 14.87 3.66 11.04
N LEU A 165 14.43 3.34 9.84
CA LEU A 165 13.44 4.17 9.17
C LEU A 165 12.15 4.28 9.98
N PRO A 166 11.53 3.14 10.35
CA PRO A 166 10.29 3.12 11.12
C PRO A 166 10.40 3.88 12.44
N LEU A 167 11.52 3.67 13.11
CA LEU A 167 11.81 4.30 14.38
C LEU A 167 11.90 5.82 14.15
N ALA A 168 12.38 6.23 12.99
CA ALA A 168 12.53 7.63 12.66
C ALA A 168 11.20 8.30 12.32
N LEU A 169 10.29 7.54 11.71
CA LEU A 169 8.98 8.06 11.32
C LEU A 169 8.02 8.22 12.50
N GLY A 170 8.39 7.67 13.66
CA GLY A 170 7.54 7.79 14.82
C GLY A 170 7.29 6.52 15.63
N ALA A 171 7.81 5.40 15.19
CA ALA A 171 7.60 4.17 15.94
C ALA A 171 8.16 4.37 17.33
N GLU A 172 7.40 3.98 18.36
CA GLU A 172 7.82 4.09 19.74
C GLU A 172 8.95 3.08 19.99
N GLU A 173 8.79 1.90 19.40
CA GLU A 173 9.81 0.87 19.50
C GLU A 173 9.84 0.15 18.15
N ALA A 174 10.94 -0.54 17.88
CA ALA A 174 11.10 -1.27 16.64
C ALA A 174 11.83 -2.57 16.91
N ALA A 175 11.41 -3.63 16.22
CA ALA A 175 12.04 -4.93 16.42
C ALA A 175 11.94 -5.83 15.21
N THR A 176 12.82 -6.82 15.14
CA THR A 176 12.77 -7.77 14.05
C THR A 176 11.70 -8.78 14.46
N TYR A 177 11.13 -9.46 13.48
CA TYR A 177 10.09 -10.43 13.76
C TYR A 177 10.40 -11.36 14.93
N ALA A 178 11.57 -11.97 14.91
CA ALA A 178 11.94 -12.88 15.99
C ALA A 178 11.84 -12.25 17.38
N GLU A 179 11.98 -10.94 17.49
CA GLU A 179 11.92 -10.27 18.78
C GLU A 179 10.57 -9.60 19.12
N VAL A 180 9.57 -9.75 18.25
CA VAL A 180 8.27 -9.13 18.49
C VAL A 180 7.58 -9.62 19.77
N PRO A 181 7.43 -10.93 19.95
CA PRO A 181 6.78 -11.41 21.17
C PRO A 181 7.24 -10.68 22.44
N GLU A 182 8.55 -10.63 22.65
CA GLU A 182 9.11 -9.96 23.83
C GLU A 182 8.65 -8.51 23.93
N ARG A 183 8.76 -7.74 22.85
CA ARG A 183 8.32 -6.35 22.90
C ARG A 183 6.84 -6.30 23.20
N ALA A 184 6.12 -7.29 22.69
CA ALA A 184 4.68 -7.39 22.89
C ALA A 184 4.36 -7.58 24.37
N LYS A 185 5.15 -8.39 25.07
CA LYS A 185 4.93 -8.60 26.49
C LYS A 185 5.18 -7.32 27.28
N ALA A 186 6.26 -6.62 26.92
CA ALA A 186 6.61 -5.38 27.60
C ALA A 186 5.55 -4.29 27.42
N TRP A 187 4.89 -4.28 26.26
CA TRP A 187 3.86 -3.30 25.96
C TRP A 187 2.53 -3.63 26.64
N GLY A 188 2.40 -4.88 27.08
CA GLY A 188 1.18 -5.30 27.75
C GLY A 188 0.13 -5.76 26.76
N GLY A 189 0.58 -6.23 25.60
CA GLY A 189 -0.34 -6.68 24.58
C GLY A 189 -0.66 -5.60 23.57
N LEU A 190 -1.05 -6.03 22.38
CA LEU A 190 -1.36 -5.09 21.32
C LEU A 190 -2.86 -4.93 21.11
N ASP A 191 -3.29 -3.70 20.87
CA ASP A 191 -4.69 -3.44 20.62
C ASP A 191 -5.00 -3.69 19.15
N LEU A 192 -3.99 -3.50 18.31
CA LEU A 192 -4.13 -3.67 16.87
C LEU A 192 -2.92 -4.30 16.19
N VAL A 193 -3.19 -5.08 15.15
CA VAL A 193 -2.12 -5.71 14.39
C VAL A 193 -2.45 -5.69 12.91
N LEU A 194 -1.57 -5.08 12.13
CA LEU A 194 -1.76 -5.03 10.68
C LEU A 194 -0.95 -6.20 10.13
N GLU A 195 -1.64 -7.27 9.77
CA GLU A 195 -1.02 -8.49 9.26
C GLU A 195 -0.78 -8.51 7.77
N VAL A 196 0.49 -8.43 7.38
CA VAL A 196 0.82 -8.46 5.96
C VAL A 196 1.61 -9.73 5.64
N ARG A 197 2.01 -10.42 6.70
CA ARG A 197 2.78 -11.65 6.56
C ARG A 197 1.87 -12.84 6.27
N GLY A 198 0.96 -13.12 7.20
CA GLY A 198 0.00 -14.20 7.02
C GLY A 198 0.43 -15.57 7.52
N LYS A 199 1.73 -15.84 7.52
CA LYS A 199 2.22 -17.14 7.94
C LYS A 199 2.09 -17.40 9.44
N GLU A 200 2.27 -16.37 10.26
CA GLU A 200 2.17 -16.54 11.71
C GLU A 200 0.94 -15.94 12.38
N VAL A 201 -0.15 -15.79 11.62
CA VAL A 201 -1.40 -15.25 12.14
C VAL A 201 -1.77 -15.72 13.54
N GLU A 202 -1.64 -17.02 13.82
CA GLU A 202 -1.96 -17.54 15.14
C GLU A 202 -1.04 -16.87 16.18
N GLU A 203 0.25 -16.86 15.90
CA GLU A 203 1.22 -16.25 16.80
C GLU A 203 0.90 -14.76 17.01
N SER A 204 0.25 -14.15 16.02
CA SER A 204 -0.12 -12.75 16.09
C SER A 204 -1.27 -12.53 17.06
N LEU A 205 -2.26 -13.42 17.03
CA LEU A 205 -3.39 -13.31 17.92
C LEU A 205 -2.97 -13.44 19.38
N GLY A 206 -1.85 -14.13 19.60
CA GLY A 206 -1.34 -14.31 20.95
C GLY A 206 -0.74 -13.04 21.49
N LEU A 207 -0.51 -12.06 20.61
CA LEU A 207 0.08 -10.79 21.01
C LEU A 207 -1.00 -9.77 21.34
N LEU A 208 -2.24 -10.13 21.02
CA LEU A 208 -3.33 -9.22 21.26
C LEU A 208 -3.82 -9.15 22.70
N ALA A 209 -4.11 -7.93 23.13
CA ALA A 209 -4.64 -7.68 24.46
C ALA A 209 -6.14 -7.84 24.34
N HIS A 210 -6.86 -7.72 25.46
CA HIS A 210 -8.32 -7.87 25.44
C HIS A 210 -8.95 -6.89 24.44
N GLY A 211 -9.90 -7.40 23.66
CA GLY A 211 -10.59 -6.57 22.69
C GLY A 211 -9.71 -6.10 21.55
N GLY A 212 -8.56 -6.73 21.38
CA GLY A 212 -7.68 -6.33 20.29
C GLY A 212 -8.19 -6.86 18.96
N ARG A 213 -7.86 -6.17 17.88
CA ARG A 213 -8.29 -6.62 16.57
C ARG A 213 -7.13 -6.71 15.60
N LEU A 214 -7.07 -7.82 14.87
CA LEU A 214 -6.00 -8.03 13.90
C LEU A 214 -6.59 -7.80 12.51
N VAL A 215 -5.98 -6.92 11.74
CA VAL A 215 -6.45 -6.65 10.39
C VAL A 215 -5.63 -7.48 9.41
N TYR A 216 -6.30 -8.37 8.70
CA TYR A 216 -5.62 -9.22 7.74
C TYR A 216 -5.49 -8.49 6.42
N ILE A 217 -4.32 -7.91 6.17
CA ILE A 217 -4.09 -7.13 4.96
C ILE A 217 -3.40 -7.90 3.85
N GLY A 218 -2.66 -8.95 4.20
CA GLY A 218 -1.97 -9.73 3.19
C GLY A 218 -1.36 -11.02 3.70
N ALA A 219 -0.95 -11.84 2.75
CA ALA A 219 -0.31 -13.12 3.01
C ALA A 219 0.85 -13.17 2.02
N ALA A 220 1.70 -12.16 2.08
CA ALA A 220 2.85 -12.02 1.20
C ALA A 220 3.92 -13.10 1.35
N GLU A 221 4.01 -13.69 2.55
CA GLU A 221 5.00 -14.74 2.81
C GLU A 221 4.78 -15.93 1.88
N ALA A 225 -2.62 -19.64 6.49
CA ALA A 225 -2.93 -20.59 7.57
C ALA A 225 -4.16 -20.13 8.36
N PRO A 226 -5.01 -21.07 8.77
CA PRO A 226 -6.24 -20.83 9.53
C PRO A 226 -6.08 -20.03 10.83
N ILE A 227 -7.20 -19.66 11.43
CA ILE A 227 -7.23 -18.90 12.68
C ILE A 227 -8.28 -19.53 13.58
N PRO A 228 -7.87 -20.41 14.50
CA PRO A 228 -8.70 -21.14 15.46
C PRO A 228 -9.70 -20.31 16.28
N PRO A 229 -10.96 -20.25 15.82
CA PRO A 229 -12.00 -19.49 16.52
C PRO A 229 -12.24 -20.05 17.91
N LEU A 230 -11.58 -19.49 18.91
CA LEU A 230 -11.72 -19.93 20.29
C LEU A 230 -10.71 -19.11 21.07
N ARG A 231 -9.55 -18.93 20.47
CA ARG A 231 -8.49 -18.13 21.06
C ARG A 231 -9.05 -16.70 20.98
N LEU A 232 -9.94 -16.52 20.00
CA LEU A 232 -10.59 -15.24 19.77
C LEU A 232 -11.56 -14.89 20.88
N MET A 233 -12.36 -15.88 21.29
CA MET A 233 -13.36 -15.69 22.34
C MET A 233 -12.82 -15.32 23.71
N ARG A 234 -11.83 -16.07 24.17
CA ARG A 234 -11.25 -15.82 25.49
C ARG A 234 -10.93 -14.35 25.75
N ARG A 235 -10.49 -13.63 24.71
CA ARG A 235 -10.15 -12.22 24.89
C ARG A 235 -10.95 -11.24 24.05
N ASN A 236 -12.07 -11.71 23.52
CA ASN A 236 -12.93 -10.88 22.68
C ASN A 236 -12.12 -10.22 21.57
N LEU A 237 -11.30 -11.05 20.93
CA LEU A 237 -10.47 -10.58 19.85
C LEU A 237 -11.25 -10.56 18.54
N ALA A 238 -10.70 -9.87 17.54
CA ALA A 238 -11.37 -9.82 16.25
C ALA A 238 -10.37 -9.95 15.10
N VAL A 239 -10.81 -10.58 14.02
CA VAL A 239 -9.98 -10.73 12.83
C VAL A 239 -10.75 -10.07 11.69
N LEU A 240 -10.11 -9.16 10.98
CA LEU A 240 -10.75 -8.48 9.86
C LEU A 240 -10.05 -8.74 8.52
N GLY A 241 -10.77 -9.34 7.59
CA GLY A 241 -10.20 -9.57 6.28
C GLY A 241 -10.24 -8.19 5.64
N PHE A 242 -9.25 -7.87 4.81
CA PHE A 242 -9.23 -6.55 4.20
C PHE A 242 -8.75 -6.54 2.77
N TRP A 243 -9.45 -5.78 1.94
CA TRP A 243 -9.10 -5.63 0.54
C TRP A 243 -9.57 -4.26 0.06
N LEU A 244 -8.59 -3.40 -0.25
CA LEU A 244 -8.83 -2.02 -0.67
C LEU A 244 -9.74 -1.78 -1.89
N THR A 245 -9.57 -2.56 -2.95
CA THR A 245 -10.35 -2.39 -4.16
C THR A 245 -11.84 -2.11 -3.99
N PRO A 246 -12.59 -3.05 -3.40
CA PRO A 246 -14.03 -2.86 -3.20
C PRO A 246 -14.31 -1.53 -2.51
N LEU A 247 -13.64 -1.31 -1.39
CA LEU A 247 -13.83 -0.06 -0.65
C LEU A 247 -13.83 1.15 -1.56
N LEU A 248 -12.88 1.19 -2.49
CA LEU A 248 -12.77 2.31 -3.42
C LEU A 248 -14.10 2.74 -4.02
N ARG A 249 -14.99 1.78 -4.27
CA ARG A 249 -16.29 2.08 -4.86
C ARG A 249 -17.31 2.61 -3.85
N GLU A 250 -16.83 3.25 -2.80
CA GLU A 250 -17.71 3.79 -1.77
C GLU A 250 -17.45 5.25 -1.43
N GLY A 251 -18.04 6.15 -2.22
CA GLY A 251 -17.88 7.58 -2.02
C GLY A 251 -17.68 8.06 -0.60
N ALA A 252 -18.63 7.77 0.27
CA ALA A 252 -18.54 8.19 1.67
C ALA A 252 -17.15 7.86 2.23
N LEU A 253 -16.81 6.58 2.24
CA LEU A 253 -15.50 6.14 2.74
C LEU A 253 -14.36 6.93 2.11
N VAL A 254 -14.26 6.85 0.79
CA VAL A 254 -13.21 7.54 0.07
C VAL A 254 -13.15 9.00 0.53
N GLU A 255 -14.30 9.68 0.52
CA GLU A 255 -14.37 11.07 0.93
C GLU A 255 -13.75 11.28 2.31
N GLU A 256 -14.23 10.54 3.31
CA GLU A 256 -13.71 10.67 4.67
C GLU A 256 -12.21 10.41 4.70
N ALA A 257 -11.77 9.38 3.98
CA ALA A 257 -10.37 9.03 3.95
C ALA A 257 -9.52 10.16 3.40
N LEU A 258 -9.92 10.70 2.26
CA LEU A 258 -9.16 11.79 1.65
C LEU A 258 -9.23 13.06 2.49
N GLY A 259 -10.35 13.23 3.18
CA GLY A 259 -10.55 14.40 4.02
C GLY A 259 -9.54 14.45 5.14
N PHE A 260 -8.99 13.30 5.48
CA PHE A 260 -8.01 13.20 6.55
C PHE A 260 -6.58 13.13 5.99
N LEU A 261 -6.43 12.47 4.84
CA LEU A 261 -5.12 12.30 4.23
C LEU A 261 -4.58 13.49 3.42
N LEU A 262 -5.39 14.00 2.49
CA LEU A 262 -4.96 15.12 1.66
C LEU A 262 -4.42 16.34 2.42
N PRO A 263 -5.19 16.84 3.40
CA PRO A 263 -4.70 18.01 4.15
C PRO A 263 -3.32 17.76 4.74
N ARG A 264 -2.99 16.51 5.02
CA ARG A 264 -1.71 16.13 5.62
C ARG A 264 -0.63 15.71 4.62
N LEU A 265 -1.05 15.30 3.43
CA LEU A 265 -0.12 14.88 2.39
C LEU A 265 0.97 15.95 2.23
N GLY A 266 2.23 15.56 2.32
CA GLY A 266 3.30 16.54 2.15
C GLY A 266 3.69 17.25 3.44
N ARG A 267 2.84 17.17 4.45
CA ARG A 267 3.12 17.80 5.73
C ARG A 267 3.42 16.71 6.75
N GLU A 268 2.41 16.26 7.49
CA GLU A 268 2.63 15.21 8.48
C GLU A 268 2.74 13.82 7.84
N LEU A 269 2.19 13.68 6.63
CA LEU A 269 2.25 12.42 5.90
C LEU A 269 3.11 12.59 4.66
N ARG A 270 4.27 11.96 4.67
CA ARG A 270 5.21 12.04 3.56
C ARG A 270 5.55 10.64 3.07
N PRO A 271 5.13 10.29 1.85
CA PRO A 271 5.44 8.95 1.34
C PRO A 271 6.95 8.71 1.19
N VAL A 272 7.40 7.53 1.62
CA VAL A 272 8.81 7.16 1.51
C VAL A 272 9.11 6.59 0.13
N VAL A 273 9.83 7.33 -0.68
CA VAL A 273 10.15 6.86 -2.02
C VAL A 273 11.35 5.93 -1.90
N GLY A 274 11.25 4.75 -2.51
CA GLY A 274 12.35 3.80 -2.47
C GLY A 274 13.04 3.75 -3.81
N PRO A 275 13.37 2.55 -4.31
CA PRO A 275 14.05 2.35 -5.60
C PRO A 275 13.25 2.98 -6.73
N VAL A 276 13.92 3.79 -7.54
CA VAL A 276 13.25 4.43 -8.67
C VAL A 276 13.92 3.97 -9.94
N PHE A 277 13.14 3.32 -10.79
CA PHE A 277 13.62 2.77 -12.03
C PHE A 277 13.10 3.55 -13.22
N PRO A 278 13.89 3.56 -14.30
CA PRO A 278 13.50 4.26 -15.53
C PRO A 278 12.44 3.38 -16.19
N PHE A 279 11.63 3.98 -17.05
CA PHE A 279 10.57 3.26 -17.74
C PHE A 279 11.07 1.96 -18.35
N ALA A 280 12.24 2.02 -19.00
CA ALA A 280 12.82 0.84 -19.64
C ALA A 280 13.23 -0.32 -18.71
N GLU A 281 13.26 -0.08 -17.40
CA GLU A 281 13.63 -1.14 -16.47
C GLU A 281 12.45 -1.69 -15.65
N ALA A 282 11.26 -1.65 -16.25
CA ALA A 282 10.06 -2.14 -15.58
C ALA A 282 10.24 -3.51 -14.94
N GLU A 283 10.88 -4.44 -15.64
CA GLU A 283 11.09 -5.78 -15.08
C GLU A 283 11.98 -5.74 -13.84
N ALA A 284 12.96 -4.85 -13.86
CA ALA A 284 13.88 -4.73 -12.74
C ALA A 284 13.09 -4.22 -11.55
N ALA A 285 12.22 -3.24 -11.78
CA ALA A 285 11.39 -2.67 -10.73
C ALA A 285 10.53 -3.76 -10.10
N PHE A 286 9.93 -4.60 -10.93
CA PHE A 286 9.09 -5.68 -10.45
C PHE A 286 9.90 -6.60 -9.55
N ARG A 287 11.15 -6.87 -9.94
CA ARG A 287 12.01 -7.71 -9.14
C ARG A 287 12.27 -7.06 -7.78
N ALA A 288 12.44 -5.74 -7.80
CA ALA A 288 12.70 -4.96 -6.58
C ALA A 288 11.58 -5.17 -5.56
N LEU A 289 10.35 -5.32 -6.06
CA LEU A 289 9.21 -5.55 -5.18
C LEU A 289 9.45 -6.78 -4.31
N LEU A 290 10.13 -7.78 -4.87
CA LEU A 290 10.40 -9.01 -4.16
C LEU A 290 11.68 -9.00 -3.34
N ASP A 291 12.52 -7.98 -3.51
CA ASP A 291 13.77 -7.88 -2.76
C ASP A 291 13.52 -7.41 -1.34
N ARG A 292 13.62 -8.32 -0.38
CA ARG A 292 13.40 -7.99 1.02
C ARG A 292 14.47 -7.08 1.59
N GLY A 293 15.38 -6.64 0.73
CA GLY A 293 16.40 -5.74 1.19
C GLY A 293 15.92 -4.31 1.03
N HIS A 294 15.07 -4.07 0.03
CA HIS A 294 14.57 -2.73 -0.23
C HIS A 294 13.65 -2.15 0.84
N THR A 295 13.55 -0.82 0.82
CA THR A 295 12.69 -0.09 1.74
C THR A 295 12.01 1.04 0.96
N GLY A 296 10.77 1.37 1.33
CA GLY A 296 10.05 2.43 0.63
C GLY A 296 9.24 1.92 -0.53
N LYS A 297 8.75 2.84 -1.35
CA LYS A 297 7.94 2.50 -2.50
C LYS A 297 8.79 2.30 -3.74
N VAL A 298 8.48 1.26 -4.50
CA VAL A 298 9.21 1.01 -5.72
C VAL A 298 8.50 1.92 -6.72
N VAL A 299 9.26 2.70 -7.47
CA VAL A 299 8.65 3.60 -8.42
C VAL A 299 9.30 3.54 -9.79
N VAL A 300 8.48 3.65 -10.83
CA VAL A 300 8.98 3.67 -12.19
C VAL A 300 8.73 5.11 -12.63
N ARG A 301 9.73 5.72 -13.23
CA ARG A 301 9.63 7.10 -13.66
C ARG A 301 9.69 7.19 -15.17
N LEU A 302 8.73 7.90 -15.75
CA LEU A 302 8.71 8.08 -17.20
C LEU A 302 9.36 9.40 -17.61
#